data_7QC2
#
_entry.id   7QC2
#
_cell.length_a   103.500
_cell.length_b   103.500
_cell.length_c   127.510
_cell.angle_alpha   90.000
_cell.angle_beta   90.000
_cell.angle_gamma   120.000
#
_symmetry.space_group_name_H-M   'P 32 2 1'
#
loop_
_entity.id
_entity.type
_entity.pdbx_description
1 polymer 'Proline--tRNA ligase'
2 non-polymer PROLINE
3 non-polymer ~{N}-(2,3-dihydro-1~{H}-inden-2-yl)-3-[[4-[[(2~{S})-pyrrolidin-2-yl]carbonylamino]piperidin-1-yl]carbonylamino]pyrazine-2-carboxamide
4 non-polymer 1,2-ETHANEDIOL
5 water water
#
_entity_poly.entity_id   1
_entity_poly.type   'polypeptide(L)'
_entity_poly.pdbx_seq_one_letter_code
;SDNAIASNILGITSKKIENFSDWYTQVIVKSELIEYYDISGCYILRPAAYYIWECVQAFFNKEIKKLNVENSYFPLFVTK
NKLEKEKNHIEGFSPEVAWVTKYGDSNLPEEIAIRPTSETIMYSVFPKWIRSYRDLPLKLNQWNTVVRWEFKQPTPFIRT
REFLWQEGHTAHKNEEEAVKLVFDILDLYRRWYEEYLAVPIIKGIKSEGEKFGGANFTSTAEAFISENGRAIQAATSHYL
GTNFAKMFKIEFEDENEVKQYVHQTSWGCTTRSIGIMIMTHGDDKGLVLPPNVSKYKVVIVPIFYKTTDENAIHSYCKDI
EKILKNAQINCVYDDRASYSPGYKFNHWELRGIPIRIEVGPKDLQNNSCVIVRRDNNEKCNVKKESVLLETQQMLVDIHK
NLFLKAKKKLDDSIVQVTSFSEVMNALNKKKMVLAPWCEDIATEEEIKKETQRLSLNQTNSETTLSGAMKPLCIPLDQPP
MPPNMKCFWSGKPAKRWCLFGRSY
;
_entity_poly.pdbx_strand_id   A
#
# COMPACT_ATOMS: atom_id res chain seq x y z
N ASN A 8 26.35 12.94 -12.55
CA ASN A 8 24.97 13.22 -12.89
C ASN A 8 24.28 11.99 -13.48
N ILE A 9 25.02 11.26 -14.32
CA ILE A 9 24.46 10.05 -14.94
C ILE A 9 24.16 8.99 -13.89
N LEU A 10 24.88 9.02 -12.77
CA LEU A 10 24.61 8.09 -11.68
C LEU A 10 23.34 8.44 -10.92
N GLY A 11 22.78 9.64 -11.12
CA GLY A 11 21.56 10.04 -10.48
C GLY A 11 20.34 9.81 -11.35
N ILE A 12 19.27 10.53 -11.05
CA ILE A 12 18.01 10.42 -11.78
C ILE A 12 18.05 11.41 -12.94
N THR A 13 17.88 10.89 -14.16
CA THR A 13 17.95 11.72 -15.37
C THR A 13 16.57 12.14 -15.88
N SER A 14 15.49 11.63 -15.30
CA SER A 14 14.14 11.97 -15.71
C SER A 14 13.42 12.65 -14.56
N LYS A 15 12.90 13.84 -14.80
CA LYS A 15 12.18 14.57 -13.77
C LYS A 15 10.86 13.89 -13.45
N LYS A 16 10.45 13.98 -12.18
CA LYS A 16 9.20 13.35 -11.77
C LYS A 16 7.99 13.96 -12.46
N ILE A 17 8.06 15.25 -12.78
CA ILE A 17 6.95 15.91 -13.46
C ILE A 17 6.95 15.60 -14.95
N GLU A 18 8.13 15.58 -15.56
CA GLU A 18 8.26 15.36 -16.99
C GLU A 18 7.80 13.96 -17.39
N ASN A 19 8.59 12.94 -17.03
CA ASN A 19 8.29 11.55 -17.36
C ASN A 19 8.13 10.79 -16.04
N PHE A 20 6.89 10.67 -15.58
CA PHE A 20 6.64 10.01 -14.30
C PHE A 20 6.88 8.51 -14.38
N SER A 21 6.64 7.89 -15.54
CA SER A 21 6.85 6.46 -15.68
C SER A 21 8.34 6.11 -15.66
N ASP A 22 9.14 6.84 -16.43
CA ASP A 22 10.58 6.60 -16.44
C ASP A 22 11.22 7.02 -15.12
N TRP A 23 10.69 8.07 -14.48
CA TRP A 23 11.21 8.47 -13.18
C TRP A 23 11.03 7.37 -12.14
N TYR A 24 9.85 6.73 -12.14
CA TYR A 24 9.59 5.67 -11.17
C TYR A 24 10.48 4.45 -11.42
N THR A 25 10.82 4.19 -12.67
CA THR A 25 11.68 3.05 -12.98
C THR A 25 13.11 3.30 -12.51
N GLN A 26 13.61 4.52 -12.71
CA GLN A 26 14.99 4.82 -12.30
C GLN A 26 15.12 4.88 -10.78
N VAL A 27 14.08 5.37 -10.10
CA VAL A 27 14.15 5.52 -8.64
C VAL A 27 14.21 4.15 -7.96
N ILE A 28 13.34 3.23 -8.38
CA ILE A 28 13.30 1.92 -7.73
C ILE A 28 14.52 1.07 -8.05
N VAL A 29 15.21 1.35 -9.15
CA VAL A 29 16.39 0.59 -9.53
C VAL A 29 17.66 1.18 -8.95
N LYS A 30 17.85 2.50 -9.08
CA LYS A 30 19.07 3.13 -8.60
C LYS A 30 19.11 3.24 -7.08
N SER A 31 17.98 3.13 -6.40
CA SER A 31 17.95 3.05 -4.95
C SER A 31 18.09 1.63 -4.44
N GLU A 32 18.31 0.66 -5.34
CA GLU A 32 18.49 -0.75 -4.97
C GLU A 32 17.29 -1.31 -4.23
N LEU A 33 16.08 -1.00 -4.73
CA LEU A 33 14.84 -1.54 -4.20
C LEU A 33 14.32 -2.71 -5.02
N ILE A 34 14.31 -2.57 -6.35
CA ILE A 34 13.71 -3.55 -7.25
C ILE A 34 14.76 -4.01 -8.24
N GLU A 35 14.77 -5.32 -8.51
CA GLU A 35 15.52 -5.90 -9.61
C GLU A 35 14.56 -6.62 -10.53
N TYR A 36 14.73 -6.43 -11.83
CA TYR A 36 13.83 -7.04 -12.80
C TYR A 36 14.15 -8.51 -12.99
N TYR A 37 13.18 -9.24 -13.54
CA TYR A 37 13.25 -10.69 -13.66
C TYR A 37 12.87 -11.08 -15.07
N ASP A 38 13.27 -12.31 -15.46
CA ASP A 38 12.99 -12.81 -16.79
C ASP A 38 11.58 -13.40 -16.93
N ILE A 39 10.70 -13.11 -15.98
CA ILE A 39 9.29 -13.46 -16.07
C ILE A 39 8.50 -12.17 -15.91
N SER A 40 7.66 -11.85 -16.90
CA SER A 40 6.91 -10.60 -16.87
C SER A 40 5.94 -10.59 -15.68
N GLY A 41 5.88 -9.44 -15.00
CA GLY A 41 5.01 -9.29 -13.85
C GLY A 41 5.61 -9.71 -12.53
N CYS A 42 6.82 -10.26 -12.53
CA CYS A 42 7.50 -10.69 -11.31
C CYS A 42 8.75 -9.86 -11.11
N TYR A 43 8.96 -9.38 -9.88
CA TYR A 43 10.08 -8.52 -9.56
C TYR A 43 10.73 -8.99 -8.27
N ILE A 44 12.00 -8.62 -8.11
CA ILE A 44 12.80 -9.02 -6.96
C ILE A 44 12.82 -7.88 -5.96
N LEU A 45 12.57 -8.22 -4.69
CA LEU A 45 12.65 -7.24 -3.60
C LEU A 45 14.04 -7.34 -2.98
N ARG A 46 14.88 -6.36 -3.30
CA ARG A 46 16.21 -6.29 -2.73
C ARG A 46 16.14 -5.91 -1.25
N PRO A 47 17.22 -6.12 -0.50
CA PRO A 47 17.15 -5.89 0.97
C PRO A 47 16.59 -4.53 1.39
N ALA A 48 16.83 -3.47 0.61
CA ALA A 48 16.28 -2.17 0.98
C ALA A 48 14.76 -2.16 0.91
N ALA A 49 14.17 -2.89 -0.04
CA ALA A 49 12.73 -2.95 -0.16
C ALA A 49 12.12 -3.90 0.87
N TYR A 50 12.78 -5.03 1.12
CA TYR A 50 12.22 -6.01 2.06
C TYR A 50 12.31 -5.52 3.50
N TYR A 51 13.27 -4.64 3.80
CA TYR A 51 13.36 -4.09 5.14
C TYR A 51 12.13 -3.25 5.47
N ILE A 52 11.61 -2.51 4.49
CA ILE A 52 10.38 -1.75 4.68
C ILE A 52 9.22 -2.70 4.98
N TRP A 53 9.19 -3.85 4.30
CA TRP A 53 8.11 -4.81 4.52
C TRP A 53 8.17 -5.39 5.92
N GLU A 54 9.38 -5.67 6.43
CA GLU A 54 9.52 -6.20 7.78
C GLU A 54 9.11 -5.18 8.84
N CYS A 55 9.27 -3.88 8.54
CA CYS A 55 8.90 -2.86 9.51
C CYS A 55 7.39 -2.79 9.69
N VAL A 56 6.65 -2.65 8.58
CA VAL A 56 5.19 -2.63 8.67
C VAL A 56 4.63 -3.98 9.09
N GLN A 57 5.36 -5.07 8.84
CA GLN A 57 4.92 -6.38 9.32
C GLN A 57 5.04 -6.50 10.83
N ALA A 58 6.11 -5.93 11.39
CA ALA A 58 6.27 -5.95 12.85
C ALA A 58 5.23 -5.08 13.53
N PHE A 59 4.82 -3.98 12.89
CA PHE A 59 3.79 -3.14 13.46
C PHE A 59 2.42 -3.80 13.38
N PHE A 60 2.06 -4.31 12.20
CA PHE A 60 0.75 -4.92 12.03
C PHE A 60 0.59 -6.18 12.87
N ASN A 61 1.68 -6.93 13.07
CA ASN A 61 1.62 -8.09 13.95
C ASN A 61 1.26 -7.69 15.37
N LYS A 62 1.94 -6.68 15.91
CA LYS A 62 1.70 -6.27 17.29
C LYS A 62 0.28 -5.77 17.49
N GLU A 63 -0.32 -5.15 16.47
CA GLU A 63 -1.66 -4.60 16.63
C GLU A 63 -2.75 -5.66 16.52
N ILE A 64 -2.56 -6.67 15.67
CA ILE A 64 -3.58 -7.70 15.53
C ILE A 64 -3.54 -8.71 16.68
N LYS A 65 -2.43 -8.81 17.40
CA LYS A 65 -2.40 -9.65 18.58
C LYS A 65 -3.31 -9.11 19.67
N LYS A 66 -3.48 -7.78 19.72
CA LYS A 66 -4.42 -7.19 20.66
C LYS A 66 -5.85 -7.62 20.37
N LEU A 67 -6.17 -7.86 19.10
CA LEU A 67 -7.48 -8.34 18.70
C LEU A 67 -7.59 -9.87 18.75
N ASN A 68 -6.61 -10.53 19.37
CA ASN A 68 -6.59 -11.99 19.52
C ASN A 68 -6.50 -12.70 18.17
N VAL A 69 -5.90 -12.04 17.18
CA VAL A 69 -5.65 -12.65 15.87
C VAL A 69 -4.31 -13.37 15.93
N GLU A 70 -4.27 -14.62 15.46
CA GLU A 70 -3.09 -15.46 15.54
C GLU A 70 -2.59 -15.80 14.15
N ASN A 71 -1.27 -15.80 13.98
CA ASN A 71 -0.68 -16.12 12.70
C ASN A 71 -0.73 -17.61 12.43
N SER A 72 -0.66 -17.96 11.15
CA SER A 72 -0.70 -19.35 10.71
C SER A 72 -0.19 -19.41 9.28
N TYR A 73 -0.06 -20.63 8.76
CA TYR A 73 0.27 -20.82 7.35
C TYR A 73 -0.57 -21.95 6.78
N PHE A 74 -1.09 -21.72 5.59
CA PHE A 74 -1.94 -22.65 4.87
C PHE A 74 -1.28 -23.00 3.53
N PRO A 75 -1.66 -24.14 2.93
CA PRO A 75 -0.97 -24.59 1.71
C PRO A 75 -1.05 -23.57 0.58
N LEU A 76 -0.06 -23.65 -0.31
CA LEU A 76 -0.02 -22.78 -1.48
C LEU A 76 -1.01 -23.20 -2.54
N PHE A 77 -1.47 -24.45 -2.51
CA PHE A 77 -2.29 -25.02 -3.58
C PHE A 77 -3.71 -25.28 -3.10
N VAL A 78 -4.61 -25.44 -4.08
CA VAL A 78 -6.02 -25.72 -3.83
C VAL A 78 -6.55 -26.59 -4.96
N THR A 79 -7.42 -27.52 -4.61
CA THR A 79 -8.03 -28.40 -5.60
C THR A 79 -9.20 -27.70 -6.29
N LYS A 80 -9.66 -28.31 -7.38
CA LYS A 80 -10.83 -27.79 -8.08
C LYS A 80 -12.08 -27.89 -7.21
N ASN A 81 -12.16 -28.92 -6.37
CA ASN A 81 -13.36 -29.13 -5.55
C ASN A 81 -13.57 -28.00 -4.57
N LYS A 82 -12.50 -27.53 -3.92
CA LYS A 82 -12.64 -26.47 -2.93
C LYS A 82 -12.67 -25.09 -3.56
N LEU A 83 -12.06 -24.93 -4.74
CA LEU A 83 -11.91 -23.60 -5.33
C LEU A 83 -13.23 -23.05 -5.84
N GLU A 84 -14.09 -23.92 -6.39
CA GLU A 84 -15.34 -23.51 -7.03
C GLU A 84 -16.54 -23.67 -6.11
N LYS A 85 -16.34 -23.63 -4.79
CA LYS A 85 -17.47 -23.78 -3.86
C LYS A 85 -18.41 -22.58 -3.95
N GLU A 86 -17.86 -21.37 -3.78
CA GLU A 86 -18.63 -20.14 -3.92
C GLU A 86 -18.62 -19.72 -5.38
N LYS A 87 -19.82 -19.47 -5.94
CA LYS A 87 -19.92 -19.14 -7.36
C LYS A 87 -19.38 -17.75 -7.64
N ASN A 88 -19.81 -16.75 -6.86
CA ASN A 88 -19.39 -15.37 -7.10
C ASN A 88 -17.90 -15.17 -6.85
N HIS A 89 -17.26 -16.03 -6.07
CA HIS A 89 -15.86 -15.86 -5.75
C HIS A 89 -14.96 -16.40 -6.86
N ILE A 90 -15.30 -17.55 -7.42
CA ILE A 90 -14.45 -18.15 -8.46
C ILE A 90 -14.64 -17.45 -9.81
N GLU A 91 -15.83 -16.89 -10.05
CA GLU A 91 -16.08 -16.23 -11.34
C GLU A 91 -15.17 -15.02 -11.53
N GLY A 92 -14.76 -14.38 -10.44
CA GLY A 92 -13.89 -13.22 -10.54
C GLY A 92 -12.41 -13.56 -10.64
N PHE A 93 -12.03 -14.73 -10.16
CA PHE A 93 -10.63 -15.14 -10.15
C PHE A 93 -10.29 -16.19 -11.20
N SER A 94 -11.29 -16.80 -11.84
CA SER A 94 -11.06 -17.95 -12.71
C SER A 94 -9.99 -17.71 -13.78
N PRO A 95 -10.04 -16.66 -14.60
CA PRO A 95 -9.05 -16.53 -15.68
C PRO A 95 -7.65 -16.14 -15.20
N GLU A 96 -7.48 -15.78 -13.93
N GLU A 96 -7.49 -15.76 -13.94
CA GLU A 96 -6.20 -15.35 -13.40
CA GLU A 96 -6.19 -15.35 -13.41
C GLU A 96 -5.58 -16.39 -12.48
C GLU A 96 -5.61 -16.36 -12.43
N VAL A 97 -6.19 -17.56 -12.34
CA VAL A 97 -5.69 -18.60 -11.46
C VAL A 97 -4.65 -19.42 -12.22
N ALA A 98 -3.45 -19.54 -11.65
CA ALA A 98 -2.40 -20.36 -12.23
C ALA A 98 -2.57 -21.82 -11.79
N TRP A 99 -2.42 -22.74 -12.75
CA TRP A 99 -2.66 -24.15 -12.52
C TRP A 99 -1.36 -24.94 -12.71
N VAL A 100 -1.05 -25.78 -11.74
CA VAL A 100 0.06 -26.73 -11.84
C VAL A 100 -0.51 -28.04 -12.38
N THR A 101 0.06 -28.52 -13.49
CA THR A 101 -0.48 -29.68 -14.19
C THR A 101 0.47 -30.86 -14.29
N LYS A 102 1.73 -30.70 -13.91
CA LYS A 102 2.66 -31.82 -14.06
C LYS A 102 3.85 -31.62 -13.12
N TYR A 103 4.46 -32.75 -12.75
CA TYR A 103 5.72 -32.76 -12.00
C TYR A 103 6.79 -33.32 -12.92
N GLY A 104 7.84 -32.53 -13.15
CA GLY A 104 8.86 -32.94 -14.11
C GLY A 104 8.26 -33.08 -15.49
N ASP A 105 8.25 -34.30 -16.01
CA ASP A 105 7.66 -34.60 -17.32
C ASP A 105 6.41 -35.46 -17.21
N SER A 106 5.93 -35.72 -15.99
CA SER A 106 4.77 -36.56 -15.76
C SER A 106 3.60 -35.71 -15.29
N ASN A 107 2.44 -35.89 -15.92
CA ASN A 107 1.26 -35.12 -15.55
C ASN A 107 0.74 -35.52 -14.18
N LEU A 108 0.24 -34.55 -13.43
CA LEU A 108 -0.35 -34.84 -12.13
C LEU A 108 -1.65 -35.62 -12.33
N PRO A 109 -1.99 -36.51 -11.39
CA PRO A 109 -3.29 -37.20 -11.47
C PRO A 109 -4.47 -36.24 -11.43
N GLU A 110 -4.33 -35.12 -10.73
CA GLU A 110 -5.35 -34.09 -10.70
C GLU A 110 -4.68 -32.73 -10.69
N GLU A 111 -5.17 -31.82 -11.52
CA GLU A 111 -4.62 -30.48 -11.57
C GLU A 111 -4.89 -29.74 -10.26
N ILE A 112 -3.91 -28.94 -9.83
CA ILE A 112 -4.03 -28.13 -8.63
C ILE A 112 -3.72 -26.69 -8.98
N ALA A 113 -4.32 -25.77 -8.23
CA ALA A 113 -4.25 -24.35 -8.51
C ALA A 113 -3.45 -23.63 -7.44
N ILE A 114 -2.71 -22.60 -7.85
CA ILE A 114 -1.98 -21.74 -6.93
C ILE A 114 -2.91 -20.67 -6.41
N ARG A 115 -2.82 -20.40 -5.12
CA ARG A 115 -3.77 -19.52 -4.43
C ARG A 115 -3.72 -18.10 -4.99
N PRO A 116 -4.84 -17.57 -5.52
CA PRO A 116 -4.94 -16.13 -5.68
C PRO A 116 -5.36 -15.43 -4.40
N THR A 117 -5.94 -16.18 -3.47
CA THR A 117 -6.38 -15.77 -2.15
C THR A 117 -6.80 -17.04 -1.43
N SER A 118 -6.73 -17.01 -0.09
CA SER A 118 -6.85 -18.24 0.70
C SER A 118 -8.23 -18.41 1.32
N GLU A 119 -9.27 -17.84 0.72
CA GLU A 119 -10.62 -18.08 1.21
C GLU A 119 -10.99 -19.56 1.11
N THR A 120 -10.90 -20.12 -0.10
CA THR A 120 -11.31 -21.51 -0.31
C THR A 120 -10.38 -22.49 0.38
N ILE A 121 -9.10 -22.15 0.51
CA ILE A 121 -8.15 -23.05 1.15
C ILE A 121 -8.43 -23.15 2.65
N MET A 122 -8.59 -22.00 3.31
CA MET A 122 -8.75 -22.01 4.76
C MET A 122 -10.13 -22.47 5.17
N TYR A 123 -11.17 -22.05 4.43
CA TYR A 123 -12.53 -22.37 4.84
C TYR A 123 -12.90 -23.83 4.59
N SER A 124 -12.08 -24.57 3.83
CA SER A 124 -12.34 -25.99 3.63
C SER A 124 -12.17 -26.79 4.91
N VAL A 125 -11.42 -26.28 5.88
CA VAL A 125 -11.19 -26.96 7.14
C VAL A 125 -11.85 -26.26 8.32
N PHE A 126 -12.46 -25.10 8.10
CA PHE A 126 -13.17 -24.43 9.18
C PHE A 126 -14.29 -25.27 9.79
N PRO A 127 -15.10 -26.03 9.03
CA PRO A 127 -16.15 -26.83 9.68
C PRO A 127 -15.62 -27.81 10.73
N LYS A 128 -14.38 -28.27 10.59
CA LYS A 128 -13.81 -29.16 11.59
C LYS A 128 -13.39 -28.40 12.85
N TRP A 129 -13.16 -27.09 12.75
CA TRP A 129 -12.76 -26.27 13.88
C TRP A 129 -13.92 -25.58 14.59
N ILE A 130 -14.99 -25.28 13.86
CA ILE A 130 -16.13 -24.54 14.39
C ILE A 130 -17.31 -25.50 14.49
N ARG A 131 -17.64 -25.91 15.72
CA ARG A 131 -18.78 -26.78 15.97
C ARG A 131 -19.77 -26.21 16.98
N SER A 132 -19.35 -25.32 17.86
CA SER A 132 -20.21 -24.77 18.89
C SER A 132 -19.92 -23.28 19.04
N TYR A 133 -20.77 -22.60 19.81
CA TYR A 133 -20.55 -21.19 20.10
C TYR A 133 -19.28 -20.96 20.91
N ARG A 134 -18.79 -22.00 21.59
CA ARG A 134 -17.55 -21.88 22.36
C ARG A 134 -16.33 -21.75 21.45
N ASP A 135 -16.43 -22.16 20.20
CA ASP A 135 -15.33 -22.11 19.26
C ASP A 135 -15.26 -20.78 18.50
N LEU A 136 -15.97 -19.77 18.95
CA LEU A 136 -16.02 -18.48 18.28
C LEU A 136 -15.67 -17.37 19.26
N PRO A 137 -15.03 -16.29 18.78
CA PRO A 137 -14.64 -16.08 17.38
C PRO A 137 -13.33 -16.75 17.00
N LEU A 138 -13.23 -17.19 15.75
CA LEU A 138 -12.01 -17.76 15.20
C LEU A 138 -11.32 -16.70 14.36
N LYS A 139 -10.08 -16.37 14.72
CA LYS A 139 -9.33 -15.29 14.07
C LYS A 139 -7.99 -15.83 13.61
N LEU A 140 -7.70 -15.67 12.32
CA LEU A 140 -6.48 -16.21 11.74
C LEU A 140 -5.86 -15.16 10.81
N ASN A 141 -4.56 -15.33 10.55
CA ASN A 141 -3.82 -14.43 9.68
C ASN A 141 -2.64 -15.18 9.08
N GLN A 142 -2.29 -14.81 7.84
CA GLN A 142 -1.15 -15.38 7.16
C GLN A 142 -0.27 -14.28 6.60
N TRP A 143 1.03 -14.55 6.53
CA TRP A 143 2.00 -13.71 5.82
C TRP A 143 2.58 -14.57 4.70
N ASN A 144 2.11 -14.37 3.48
CA ASN A 144 2.49 -15.24 2.37
C ASN A 144 2.48 -14.44 1.08
N THR A 145 2.54 -15.15 -0.05
CA THR A 145 2.35 -14.56 -1.37
C THR A 145 1.18 -15.26 -2.06
N VAL A 146 0.52 -14.52 -2.95
CA VAL A 146 -0.51 -15.08 -3.81
C VAL A 146 -0.17 -14.70 -5.24
N VAL A 147 -0.75 -15.44 -6.19
CA VAL A 147 -0.47 -15.27 -7.61
C VAL A 147 -1.78 -14.98 -8.33
N ARG A 148 -1.82 -13.85 -9.02
CA ARG A 148 -2.95 -13.46 -9.86
C ARG A 148 -2.39 -13.15 -11.24
N TRP A 149 -2.53 -14.11 -12.16
CA TRP A 149 -1.86 -14.03 -13.46
C TRP A 149 -2.71 -13.21 -14.44
N GLU A 150 -2.68 -11.90 -14.22
CA GLU A 150 -3.33 -10.98 -15.15
C GLU A 150 -2.38 -10.60 -16.28
N PHE A 151 -2.96 -10.10 -17.37
CA PHE A 151 -2.20 -9.65 -18.51
C PHE A 151 -2.27 -8.14 -18.70
N LYS A 152 -2.75 -7.41 -17.71
CA LYS A 152 -2.66 -5.96 -17.73
C LYS A 152 -1.21 -5.54 -17.49
N GLN A 153 -0.92 -4.27 -17.78
CA GLN A 153 0.43 -3.76 -17.66
C GLN A 153 0.91 -3.84 -16.22
N PRO A 154 1.99 -4.58 -15.93
CA PRO A 154 2.50 -4.64 -14.56
C PRO A 154 3.34 -3.42 -14.21
N THR A 155 3.34 -3.10 -12.92
CA THR A 155 4.17 -2.04 -12.37
C THR A 155 4.72 -2.59 -11.06
N PRO A 156 6.02 -2.45 -10.81
CA PRO A 156 6.59 -2.97 -9.57
C PRO A 156 5.86 -2.45 -8.34
N PHE A 157 5.85 -3.28 -7.30
CA PHE A 157 5.21 -3.00 -6.01
C PHE A 157 3.67 -2.99 -6.11
N ILE A 158 3.11 -2.16 -7.00
CA ILE A 158 1.69 -1.89 -6.94
C ILE A 158 0.85 -2.85 -7.79
N ARG A 159 1.38 -3.32 -8.92
CA ARG A 159 0.62 -4.18 -9.84
C ARG A 159 1.55 -5.29 -10.33
N THR A 160 1.60 -6.39 -9.58
CA THR A 160 2.48 -7.50 -9.87
C THR A 160 1.70 -8.81 -9.88
N ARG A 161 2.17 -9.77 -10.68
CA ARG A 161 1.50 -11.06 -10.77
C ARG A 161 1.64 -11.87 -9.49
N GLU A 162 2.75 -11.71 -8.78
CA GLU A 162 2.92 -12.27 -7.44
C GLU A 162 3.22 -11.12 -6.48
N PHE A 163 2.57 -11.14 -5.32
CA PHE A 163 2.82 -10.08 -4.35
C PHE A 163 2.73 -10.60 -2.93
N LEU A 164 3.66 -10.12 -2.10
CA LEU A 164 3.61 -10.37 -0.66
C LEU A 164 2.46 -9.59 -0.04
N TRP A 165 1.82 -10.19 0.96
CA TRP A 165 0.77 -9.49 1.70
C TRP A 165 0.51 -10.23 2.99
N GLN A 166 -0.41 -9.70 3.77
CA GLN A 166 -1.08 -10.44 4.83
C GLN A 166 -2.55 -10.58 4.48
N GLU A 167 -3.15 -11.70 4.89
CA GLU A 167 -4.58 -11.91 4.72
C GLU A 167 -5.15 -12.43 6.03
N GLY A 168 -5.95 -11.61 6.70
CA GLY A 168 -6.63 -12.03 7.90
C GLY A 168 -8.00 -12.61 7.59
N HIS A 169 -8.40 -13.59 8.40
CA HIS A 169 -9.67 -14.26 8.23
C HIS A 169 -10.28 -14.51 9.60
N THR A 170 -11.46 -13.94 9.85
CA THR A 170 -12.14 -14.10 11.11
C THR A 170 -13.53 -14.69 10.88
N ALA A 171 -14.09 -15.27 11.95
CA ALA A 171 -15.42 -15.86 11.92
C ALA A 171 -16.08 -15.59 13.26
N HIS A 172 -17.25 -14.95 13.24
CA HIS A 172 -17.92 -14.51 14.45
C HIS A 172 -19.31 -15.11 14.54
N LYS A 173 -19.97 -14.82 15.67
CA LYS A 173 -21.25 -15.45 15.93
C LYS A 173 -22.40 -14.66 15.33
N ASN A 174 -22.22 -13.36 15.12
CA ASN A 174 -23.27 -12.52 14.59
C ASN A 174 -22.65 -11.46 13.67
N GLU A 175 -23.52 -10.60 13.12
CA GLU A 175 -23.07 -9.60 12.18
C GLU A 175 -22.37 -8.44 12.89
N GLU A 176 -22.91 -8.02 14.04
CA GLU A 176 -22.39 -6.85 14.73
C GLU A 176 -20.92 -7.03 15.12
N GLU A 177 -20.57 -8.20 15.63
CA GLU A 177 -19.19 -8.44 16.04
C GLU A 177 -18.25 -8.52 14.85
N ALA A 178 -18.73 -9.03 13.71
CA ALA A 178 -17.88 -9.14 12.53
C ALA A 178 -17.67 -7.78 11.87
N VAL A 179 -18.74 -6.98 11.74
CA VAL A 179 -18.62 -5.66 11.13
C VAL A 179 -17.74 -4.76 11.97
N LYS A 180 -17.80 -4.91 13.30
CA LYS A 180 -16.93 -4.14 14.19
C LYS A 180 -15.46 -4.42 13.90
N LEU A 181 -15.11 -5.69 13.67
CA LEU A 181 -13.73 -6.03 13.37
C LEU A 181 -13.31 -5.54 11.99
N VAL A 182 -14.26 -5.43 11.06
CA VAL A 182 -13.94 -4.96 9.71
C VAL A 182 -13.38 -3.54 9.77
N PHE A 183 -14.05 -2.66 10.50
CA PHE A 183 -13.60 -1.28 10.60
C PHE A 183 -12.48 -1.10 11.62
N ASP A 184 -12.33 -2.02 12.57
CA ASP A 184 -11.14 -2.01 13.41
C ASP A 184 -9.89 -2.27 12.59
N ILE A 185 -9.95 -3.25 11.69
CA ILE A 185 -8.82 -3.54 10.82
C ILE A 185 -8.60 -2.40 9.83
N LEU A 186 -9.69 -1.81 9.33
CA LEU A 186 -9.57 -0.72 8.37
C LEU A 186 -8.81 0.47 8.97
N ASP A 187 -9.01 0.72 10.25
CA ASP A 187 -8.27 1.82 10.89
C ASP A 187 -6.82 1.44 11.14
N LEU A 188 -6.54 0.15 11.36
CA LEU A 188 -5.16 -0.30 11.47
C LEU A 188 -4.40 -0.07 10.18
N TYR A 189 -5.08 -0.27 9.03
CA TYR A 189 -4.47 0.05 7.75
C TYR A 189 -4.21 1.54 7.62
N ARG A 190 -5.06 2.38 8.22
CA ARG A 190 -4.82 3.82 8.21
C ARG A 190 -3.57 4.18 9.00
N ARG A 191 -3.41 3.59 10.19
CA ARG A 191 -2.17 3.78 10.95
C ARG A 191 -0.98 3.19 10.24
N TRP A 192 -1.18 2.11 9.48
CA TRP A 192 -0.12 1.52 8.68
C TRP A 192 0.46 2.54 7.71
N TYR A 193 -0.42 3.23 6.96
CA TYR A 193 0.05 4.19 5.97
C TYR A 193 0.47 5.52 6.59
N GLU A 194 -0.12 5.90 7.72
CA GLU A 194 0.16 7.21 8.28
C GLU A 194 1.39 7.18 9.18
N GLU A 195 1.38 6.29 10.19
CA GLU A 195 2.42 6.29 11.19
C GLU A 195 3.73 5.69 10.71
N TYR A 196 3.75 5.03 9.56
CA TYR A 196 4.98 4.41 9.08
C TYR A 196 5.35 4.83 7.67
N LEU A 197 4.37 4.99 6.78
CA LEU A 197 4.64 5.41 5.41
C LEU A 197 4.31 6.87 5.16
N ALA A 198 3.65 7.54 6.12
CA ALA A 198 3.28 8.96 6.00
C ALA A 198 2.45 9.20 4.74
N VAL A 199 1.47 8.33 4.51
CA VAL A 199 0.60 8.39 3.36
C VAL A 199 -0.84 8.54 3.86
N PRO A 200 -1.52 9.64 3.54
CA PRO A 200 -2.94 9.75 3.91
C PRO A 200 -3.83 8.91 3.01
N ILE A 201 -4.90 8.39 3.60
CA ILE A 201 -5.85 7.53 2.90
C ILE A 201 -7.26 8.05 3.13
N ILE A 202 -8.19 7.50 2.35
CA ILE A 202 -9.61 7.85 2.44
C ILE A 202 -10.39 6.56 2.67
N LYS A 203 -11.04 6.48 3.83
CA LYS A 203 -11.90 5.34 4.13
C LYS A 203 -13.21 5.46 3.37
N GLY A 204 -13.72 4.32 2.90
CA GLY A 204 -14.97 4.33 2.16
C GLY A 204 -15.48 2.92 1.94
N ILE A 205 -16.66 2.85 1.34
CA ILE A 205 -17.31 1.59 1.01
C ILE A 205 -17.30 1.43 -0.51
N LYS A 206 -16.86 0.26 -0.97
CA LYS A 206 -16.84 -0.02 -2.39
C LYS A 206 -18.25 -0.13 -2.94
N SER A 207 -18.40 0.23 -4.21
CA SER A 207 -19.68 0.05 -4.88
C SER A 207 -19.96 -1.43 -5.09
N GLU A 208 -21.21 -1.73 -5.49
CA GLU A 208 -21.60 -3.12 -5.68
C GLU A 208 -20.83 -3.77 -6.82
N GLY A 209 -20.51 -3.01 -7.87
CA GLY A 209 -19.72 -3.53 -8.97
C GLY A 209 -18.23 -3.58 -8.72
N GLU A 210 -17.76 -3.09 -7.57
CA GLU A 210 -16.34 -3.08 -7.25
C GLU A 210 -16.03 -3.79 -5.94
N LYS A 211 -17.00 -4.48 -5.35
CA LYS A 211 -16.77 -5.18 -4.09
C LYS A 211 -16.23 -6.58 -4.34
N PHE A 212 -15.74 -7.21 -3.27
CA PHE A 212 -15.13 -8.52 -3.37
C PHE A 212 -16.17 -9.58 -3.71
N GLY A 213 -15.80 -10.50 -4.60
CA GLY A 213 -16.69 -11.58 -4.98
C GLY A 213 -17.07 -12.47 -3.82
N GLY A 214 -18.36 -12.52 -3.52
CA GLY A 214 -18.87 -13.28 -2.40
C GLY A 214 -18.91 -12.54 -1.08
N ALA A 215 -18.78 -11.22 -1.10
CA ALA A 215 -18.77 -10.41 0.11
C ALA A 215 -20.06 -9.61 0.23
N ASN A 216 -20.46 -9.36 1.48
CA ASN A 216 -21.61 -8.50 1.73
C ASN A 216 -21.30 -7.06 1.35
N PHE A 217 -20.23 -6.51 1.92
CA PHE A 217 -19.69 -5.23 1.46
C PHE A 217 -18.18 -5.26 1.64
N THR A 218 -17.52 -4.28 1.01
CA THR A 218 -16.07 -4.16 1.07
C THR A 218 -15.72 -2.75 1.52
N SER A 219 -15.09 -2.64 2.69
CA SER A 219 -14.52 -1.39 3.14
C SER A 219 -13.11 -1.25 2.58
N THR A 220 -12.75 -0.04 2.19
CA THR A 220 -11.49 0.19 1.50
C THR A 220 -10.79 1.42 2.04
N ALA A 221 -9.47 1.47 1.80
CA ALA A 221 -8.65 2.64 2.06
C ALA A 221 -8.06 3.07 0.73
N GLU A 222 -8.48 4.24 0.23
CA GLU A 222 -8.08 4.70 -1.09
C GLU A 222 -6.97 5.74 -0.98
N ALA A 223 -5.99 5.63 -1.86
CA ALA A 223 -4.91 6.59 -2.00
C ALA A 223 -4.95 7.20 -3.39
N PHE A 224 -4.22 8.30 -3.56
CA PHE A 224 -4.23 9.01 -4.83
C PHE A 224 -2.81 9.42 -5.19
N ILE A 225 -2.43 9.18 -6.44
CA ILE A 225 -1.13 9.60 -6.97
C ILE A 225 -1.37 10.85 -7.80
N SER A 226 -0.95 12.00 -7.28
CA SER A 226 -1.30 13.28 -7.89
C SER A 226 -0.47 13.61 -9.13
N GLU A 227 0.67 12.95 -9.33
CA GLU A 227 1.51 13.28 -10.47
C GLU A 227 0.87 12.84 -11.79
N ASN A 228 0.18 11.70 -11.78
CA ASN A 228 -0.50 11.21 -12.97
C ASN A 228 -2.01 11.16 -12.83
N GLY A 229 -2.56 11.64 -11.72
CA GLY A 229 -4.00 11.67 -11.54
C GLY A 229 -4.63 10.30 -11.41
N ARG A 230 -3.95 9.36 -10.77
CA ARG A 230 -4.43 7.99 -10.64
C ARG A 230 -4.69 7.68 -9.17
N ALA A 231 -5.90 7.22 -8.87
CA ALA A 231 -6.18 6.67 -7.56
C ALA A 231 -5.70 5.23 -7.50
N ILE A 232 -5.69 4.67 -6.28
CA ILE A 232 -5.26 3.29 -6.09
C ILE A 232 -5.72 2.78 -4.73
N GLN A 233 -6.20 1.53 -4.68
CA GLN A 233 -6.70 0.99 -3.42
C GLN A 233 -5.51 0.61 -2.54
N ALA A 234 -5.39 1.29 -1.39
CA ALA A 234 -4.25 1.06 -0.52
C ALA A 234 -4.40 -0.23 0.28
N ALA A 235 -5.62 -0.55 0.68
CA ALA A 235 -5.89 -1.76 1.45
C ALA A 235 -7.38 -2.06 1.37
N THR A 236 -7.76 -3.22 1.90
CA THR A 236 -9.15 -3.65 1.81
C THR A 236 -9.51 -4.46 3.05
N SER A 237 -10.80 -4.47 3.37
CA SER A 237 -11.32 -5.20 4.52
C SER A 237 -12.78 -5.53 4.23
N HIS A 238 -13.06 -6.80 3.97
CA HIS A 238 -14.38 -7.24 3.54
C HIS A 238 -15.17 -7.82 4.70
N TYR A 239 -16.48 -7.54 4.71
CA TYR A 239 -17.43 -8.25 5.55
C TYR A 239 -18.09 -9.31 4.67
N LEU A 240 -17.74 -10.56 4.88
CA LEU A 240 -18.23 -11.64 4.02
C LEU A 240 -19.62 -12.12 4.39
N GLY A 241 -20.10 -11.77 5.58
CA GLY A 241 -21.42 -12.24 6.01
C GLY A 241 -21.43 -13.75 6.14
N THR A 242 -22.55 -14.35 5.75
CA THR A 242 -22.71 -15.79 5.77
C THR A 242 -22.56 -16.41 4.38
N ASN A 243 -22.05 -15.64 3.41
CA ASN A 243 -21.97 -16.15 2.04
C ASN A 243 -21.02 -17.33 1.93
N PHE A 244 -19.78 -17.16 2.40
CA PHE A 244 -18.83 -18.26 2.36
C PHE A 244 -19.20 -19.37 3.32
N ALA A 245 -19.91 -19.04 4.41
CA ALA A 245 -20.32 -20.06 5.36
C ALA A 245 -21.38 -20.98 4.76
N LYS A 246 -22.21 -20.47 3.85
CA LYS A 246 -23.24 -21.31 3.24
C LYS A 246 -22.64 -22.36 2.31
N MET A 247 -21.72 -21.94 1.44
CA MET A 247 -21.15 -22.86 0.47
C MET A 247 -20.14 -23.82 1.07
N PHE A 248 -19.50 -23.45 2.19
CA PHE A 248 -18.57 -24.33 2.87
C PHE A 248 -19.18 -25.01 4.09
N LYS A 249 -20.46 -24.76 4.37
CA LYS A 249 -21.17 -25.40 5.49
C LYS A 249 -20.46 -25.17 6.81
N ILE A 250 -20.09 -23.91 7.06
CA ILE A 250 -19.41 -23.53 8.31
C ILE A 250 -20.51 -23.13 9.28
N GLU A 251 -21.06 -24.13 9.97
CA GLU A 251 -22.15 -23.93 10.91
C GLU A 251 -21.67 -24.16 12.34
N PHE A 252 -22.44 -23.64 13.29
CA PHE A 252 -22.15 -23.84 14.70
C PHE A 252 -23.45 -23.86 15.49
N GLU A 253 -23.51 -24.71 16.49
CA GLU A 253 -24.67 -24.80 17.37
C GLU A 253 -24.61 -23.66 18.39
N ASP A 254 -25.62 -22.80 18.39
CA ASP A 254 -25.61 -21.62 19.25
C ASP A 254 -26.01 -22.01 20.66
N GLU A 255 -26.18 -21.02 21.53
CA GLU A 255 -26.51 -21.24 22.93
C GLU A 255 -27.96 -21.70 23.12
N ASN A 256 -28.77 -21.71 22.05
CA ASN A 256 -30.13 -22.23 22.10
C ASN A 256 -30.27 -23.54 21.34
N GLU A 257 -29.16 -24.21 21.03
CA GLU A 257 -29.15 -25.49 20.32
C GLU A 257 -29.75 -25.35 18.92
N VAL A 258 -29.42 -24.25 18.24
CA VAL A 258 -29.87 -23.98 16.88
C VAL A 258 -28.66 -23.75 16.01
N LYS A 259 -28.63 -24.43 14.85
CA LYS A 259 -27.50 -24.28 13.93
C LYS A 259 -27.54 -22.91 13.27
N GLN A 260 -26.39 -22.24 13.24
CA GLN A 260 -26.29 -20.91 12.66
C GLN A 260 -25.05 -20.83 11.79
N TYR A 261 -25.10 -19.96 10.77
CA TYR A 261 -23.94 -19.68 9.95
C TYR A 261 -23.07 -18.62 10.62
N VAL A 262 -21.76 -18.76 10.46
CA VAL A 262 -20.83 -17.78 11.01
C VAL A 262 -20.77 -16.56 10.11
N HIS A 263 -20.46 -15.41 10.71
CA HIS A 263 -20.27 -14.16 9.97
C HIS A 263 -18.77 -13.92 9.85
N GLN A 264 -18.25 -14.06 8.63
CA GLN A 264 -16.82 -14.05 8.38
C GLN A 264 -16.36 -12.72 7.82
N THR A 265 -15.07 -12.44 8.00
CA THR A 265 -14.42 -11.28 7.43
C THR A 265 -13.10 -11.69 6.80
N SER A 266 -12.63 -10.89 5.84
CA SER A 266 -11.31 -11.05 5.26
C SER A 266 -10.76 -9.67 4.94
N TRP A 267 -9.45 -9.50 5.14
CA TRP A 267 -8.80 -8.21 4.97
C TRP A 267 -7.36 -8.44 4.57
N GLY A 268 -6.84 -7.56 3.72
CA GLY A 268 -5.50 -7.71 3.20
C GLY A 268 -4.85 -6.38 2.88
N CYS A 269 -3.53 -6.35 3.00
CA CYS A 269 -2.72 -5.21 2.62
C CYS A 269 -1.39 -5.73 2.10
N THR A 270 -0.96 -5.24 0.95
CA THR A 270 0.15 -5.83 0.22
C THR A 270 1.34 -4.86 0.22
N THR A 271 2.41 -5.29 -0.47
CA THR A 271 3.58 -4.45 -0.70
C THR A 271 3.29 -3.29 -1.64
N ARG A 272 2.08 -3.22 -2.20
CA ARG A 272 1.67 -2.02 -2.93
C ARG A 272 1.79 -0.77 -2.06
N SER A 273 1.66 -0.94 -0.74
CA SER A 273 1.88 0.17 0.18
C SER A 273 3.25 0.80 0.01
N ILE A 274 4.26 -0.01 -0.32
CA ILE A 274 5.60 0.52 -0.52
C ILE A 274 5.65 1.37 -1.79
N GLY A 275 5.01 0.90 -2.86
CA GLY A 275 5.00 1.68 -4.10
C GLY A 275 4.26 2.99 -3.96
N ILE A 276 3.17 3.00 -3.18
CA ILE A 276 2.44 4.23 -2.93
C ILE A 276 3.33 5.23 -2.19
N MET A 277 4.16 4.73 -1.28
CA MET A 277 5.08 5.60 -0.55
C MET A 277 6.12 6.21 -1.50
N ILE A 278 6.62 5.42 -2.44
CA ILE A 278 7.65 5.91 -3.36
C ILE A 278 7.08 7.01 -4.25
N MET A 279 5.91 6.79 -4.84
CA MET A 279 5.30 7.78 -5.70
C MET A 279 4.88 9.03 -4.95
N THR A 280 4.70 8.93 -3.63
CA THR A 280 4.26 10.08 -2.85
C THR A 280 5.41 11.01 -2.49
N HIS A 281 6.49 10.45 -1.93
CA HIS A 281 7.57 11.26 -1.39
C HIS A 281 8.79 11.33 -2.28
N GLY A 282 8.90 10.47 -3.29
CA GLY A 282 10.06 10.51 -4.16
C GLY A 282 10.14 11.81 -4.93
N ASP A 283 11.38 12.25 -5.18
CA ASP A 283 11.61 13.50 -5.89
C ASP A 283 12.55 13.28 -7.07
N ASP A 284 13.08 14.36 -7.65
CA ASP A 284 14.02 14.25 -8.75
C ASP A 284 15.41 13.82 -8.30
N LYS A 285 15.69 13.84 -6.99
CA LYS A 285 16.95 13.36 -6.47
C LYS A 285 16.95 11.86 -6.16
N GLY A 286 15.77 11.22 -6.24
CA GLY A 286 15.69 9.79 -5.99
C GLY A 286 14.66 9.43 -4.94
N LEU A 287 14.95 8.37 -4.18
CA LEU A 287 14.03 7.89 -3.17
C LEU A 287 14.03 8.81 -1.95
N VAL A 288 12.88 8.88 -1.28
CA VAL A 288 12.72 9.58 -0.02
C VAL A 288 12.00 8.66 0.93
N LEU A 289 12.60 8.39 2.10
CA LEU A 289 12.06 7.41 3.02
C LEU A 289 11.68 8.06 4.35
N PRO A 290 10.51 7.73 4.90
CA PRO A 290 10.22 8.07 6.30
C PRO A 290 11.18 7.36 7.23
N PRO A 291 11.42 7.92 8.43
CA PRO A 291 12.42 7.30 9.32
C PRO A 291 12.04 5.92 9.83
N ASN A 292 10.75 5.64 9.98
CA ASN A 292 10.32 4.38 10.57
C ASN A 292 10.51 3.19 9.63
N VAL A 293 10.78 3.42 8.34
CA VAL A 293 10.98 2.34 7.39
C VAL A 293 12.36 2.43 6.73
N SER A 294 13.28 3.18 7.34
CA SER A 294 14.64 3.34 6.83
C SER A 294 15.61 2.68 7.79
N LYS A 295 16.47 1.81 7.25
CA LYS A 295 17.47 1.14 8.08
C LYS A 295 18.50 2.13 8.61
N TYR A 296 19.18 2.81 7.70
CA TYR A 296 20.17 3.83 8.06
C TYR A 296 19.45 5.16 8.26
N LYS A 297 19.43 5.64 9.50
CA LYS A 297 18.78 6.92 9.79
C LYS A 297 19.62 8.08 9.30
N VAL A 298 20.93 8.05 9.57
CA VAL A 298 21.83 9.15 9.24
C VAL A 298 23.02 8.60 8.48
N VAL A 299 23.51 9.37 7.51
CA VAL A 299 24.74 9.06 6.79
C VAL A 299 25.74 10.19 7.05
N ILE A 300 27.01 9.82 7.22
CA ILE A 300 28.07 10.77 7.52
C ILE A 300 29.08 10.72 6.39
N VAL A 301 29.31 11.86 5.75
CA VAL A 301 30.21 11.96 4.61
C VAL A 301 31.34 12.91 4.98
N PRO A 302 32.61 12.48 4.90
CA PRO A 302 33.71 13.39 5.19
C PRO A 302 34.04 14.27 3.99
N ILE A 303 34.67 15.40 4.29
CA ILE A 303 35.10 16.37 3.28
C ILE A 303 36.54 16.77 3.59
N PHE A 304 37.41 16.65 2.59
CA PHE A 304 38.82 16.97 2.77
C PHE A 304 39.21 18.22 1.99
CA THR A 308 43.98 18.80 5.96
C THR A 308 44.43 17.51 6.64
N ASP A 309 43.97 17.32 7.89
CA ASP A 309 44.32 16.14 8.67
C ASP A 309 43.25 15.07 8.42
N GLU A 310 43.62 14.04 7.65
CA GLU A 310 42.67 12.98 7.34
C GLU A 310 42.35 12.12 8.55
N ASN A 311 43.35 11.89 9.41
CA ASN A 311 43.12 11.09 10.61
C ASN A 311 42.20 11.78 11.59
N ALA A 312 42.22 13.12 11.62
CA ALA A 312 41.32 13.85 12.51
C ALA A 312 39.88 13.80 12.03
N ILE A 313 39.66 13.78 10.72
CA ILE A 313 38.30 13.71 10.19
C ILE A 313 37.73 12.32 10.40
N HIS A 314 38.55 11.28 10.19
CA HIS A 314 38.08 9.92 10.45
C HIS A 314 37.76 9.71 11.92
N SER A 315 38.58 10.28 12.81
CA SER A 315 38.32 10.14 14.23
C SER A 315 37.07 10.91 14.65
N TYR A 316 36.85 12.08 14.05
CA TYR A 316 35.67 12.88 14.42
C TYR A 316 34.39 12.28 13.88
N CYS A 317 34.44 11.75 12.64
CA CYS A 317 33.23 11.19 12.05
C CYS A 317 32.79 9.91 12.76
N LYS A 318 33.74 9.11 13.26
CA LYS A 318 33.39 7.90 13.97
C LYS A 318 32.77 8.20 15.34
N ASP A 319 33.04 9.38 15.91
CA ASP A 319 32.44 9.73 17.19
C ASP A 319 30.95 9.97 17.06
N ILE A 320 30.51 10.57 15.94
CA ILE A 320 29.09 10.77 15.71
C ILE A 320 28.40 9.44 15.45
N GLU A 321 29.08 8.53 14.74
CA GLU A 321 28.54 7.21 14.51
C GLU A 321 28.46 6.41 15.81
N LYS A 322 29.31 6.73 16.78
CA LYS A 322 29.25 6.05 18.07
C LYS A 322 28.03 6.50 18.87
N ILE A 323 27.88 7.81 19.05
CA ILE A 323 26.77 8.32 19.86
C ILE A 323 25.44 8.09 19.17
N LEU A 324 25.43 7.97 17.84
CA LEU A 324 24.18 7.68 17.15
C LEU A 324 23.76 6.24 17.35
N LYS A 325 24.70 5.30 17.26
CA LYS A 325 24.38 3.90 17.50
C LYS A 325 24.12 3.59 18.97
N ASN A 326 24.65 4.43 19.88
CA ASN A 326 24.36 4.25 21.30
C ASN A 326 22.90 4.54 21.60
N ALA A 327 22.29 5.47 20.87
CA ALA A 327 20.90 5.84 21.06
C ALA A 327 19.95 5.02 20.20
N GLN A 328 20.36 3.82 19.78
CA GLN A 328 19.52 2.92 19.00
C GLN A 328 19.08 3.55 17.68
N ILE A 329 19.98 4.29 17.06
CA ILE A 329 19.73 4.93 15.76
C ILE A 329 20.81 4.41 14.81
N ASN A 330 20.44 3.45 13.97
CA ASN A 330 21.39 2.86 13.04
C ASN A 330 21.82 3.89 12.00
N CYS A 331 23.12 3.93 11.73
CA CYS A 331 23.68 4.90 10.80
C CYS A 331 24.83 4.26 10.05
N VAL A 332 25.37 4.99 9.07
CA VAL A 332 26.49 4.53 8.27
C VAL A 332 27.43 5.70 8.02
N TYR A 333 28.73 5.41 8.07
CA TYR A 333 29.77 6.40 7.80
C TYR A 333 30.48 5.99 6.51
N ASP A 334 30.27 6.77 5.45
CA ASP A 334 30.81 6.47 4.13
C ASP A 334 32.23 6.99 4.05
N ASP A 335 33.19 6.17 4.47
CA ASP A 335 34.61 6.52 4.47
C ASP A 335 35.34 5.99 3.25
N ARG A 336 34.63 5.73 2.16
CA ARG A 336 35.26 5.23 0.93
C ARG A 336 36.16 6.32 0.35
N ALA A 337 37.48 6.08 0.36
CA ALA A 337 38.44 7.05 -0.13
C ALA A 337 38.51 7.09 -1.66
N SER A 338 37.84 6.17 -2.35
CA SER A 338 37.86 6.12 -3.80
C SER A 338 36.79 6.99 -4.45
N TYR A 339 35.99 7.70 -3.65
CA TYR A 339 34.89 8.51 -4.17
C TYR A 339 34.87 9.85 -3.47
N SER A 340 34.53 10.90 -4.22
CA SER A 340 34.47 12.26 -3.71
C SER A 340 33.22 12.44 -2.85
N PRO A 341 33.21 13.46 -1.99
CA PRO A 341 31.98 13.75 -1.22
C PRO A 341 30.78 14.03 -2.11
N GLY A 342 30.98 14.70 -3.25
CA GLY A 342 29.87 14.93 -4.17
C GLY A 342 29.27 13.64 -4.68
N TYR A 343 30.11 12.63 -4.92
CA TYR A 343 29.59 11.30 -5.25
C TYR A 343 28.80 10.72 -4.09
N LYS A 344 29.34 10.84 -2.87
CA LYS A 344 28.66 10.29 -1.70
C LYS A 344 27.38 11.05 -1.38
N PHE A 345 27.32 12.34 -1.72
CA PHE A 345 26.09 13.10 -1.50
C PHE A 345 24.95 12.52 -2.34
N ASN A 346 25.19 12.35 -3.64
CA ASN A 346 24.15 11.80 -4.51
C ASN A 346 23.97 10.30 -4.34
N HIS A 347 24.96 9.62 -3.76
CA HIS A 347 24.86 8.17 -3.60
C HIS A 347 23.79 7.81 -2.57
N TRP A 348 23.71 8.55 -1.48
CA TRP A 348 22.75 8.26 -0.42
C TRP A 348 21.45 9.04 -0.54
N GLU A 349 21.46 10.19 -1.23
CA GLU A 349 20.21 10.87 -1.52
C GLU A 349 19.33 10.05 -2.46
N LEU A 350 19.94 9.30 -3.38
CA LEU A 350 19.19 8.40 -4.24
C LEU A 350 18.63 7.22 -3.46
N ARG A 351 19.26 6.83 -2.35
CA ARG A 351 18.83 5.70 -1.55
C ARG A 351 17.92 6.08 -0.40
N GLY A 352 17.48 7.34 -0.35
CA GLY A 352 16.45 7.75 0.60
C GLY A 352 16.92 7.87 2.04
N ILE A 353 18.20 8.16 2.26
CA ILE A 353 18.68 8.35 3.63
C ILE A 353 18.08 9.63 4.20
N PRO A 354 17.42 9.59 5.36
CA PRO A 354 16.72 10.80 5.84
C PRO A 354 17.63 11.95 6.18
N ILE A 355 18.80 11.67 6.76
CA ILE A 355 19.69 12.72 7.26
C ILE A 355 21.11 12.46 6.77
N ARG A 356 21.77 13.52 6.31
CA ARG A 356 23.20 13.50 6.01
C ARG A 356 23.92 14.49 6.91
N ILE A 357 24.98 14.02 7.56
CA ILE A 357 25.81 14.86 8.42
C ILE A 357 27.17 15.00 7.73
N GLU A 358 27.51 16.23 7.34
CA GLU A 358 28.75 16.52 6.65
C GLU A 358 29.78 17.07 7.63
N VAL A 359 31.03 16.59 7.50
CA VAL A 359 32.11 17.04 8.36
C VAL A 359 33.29 17.52 7.52
N GLY A 360 33.41 18.84 7.39
N PRO A 361 36.66 20.47 6.93
CA PRO A 361 37.79 20.87 7.78
C PRO A 361 37.43 22.01 8.72
N LYS A 362 36.58 22.93 8.26
CA LYS A 362 36.17 24.05 9.10
C LYS A 362 35.19 23.62 10.19
N ASP A 363 34.46 22.53 9.95
CA ASP A 363 33.51 22.04 10.95
C ASP A 363 34.24 21.48 12.17
N LEU A 364 35.36 20.79 11.95
CA LEU A 364 36.12 20.26 13.07
C LEU A 364 36.76 21.37 13.89
N GLN A 365 37.16 22.47 13.24
CA GLN A 365 37.72 23.59 13.99
C GLN A 365 36.65 24.31 14.82
N ASN A 366 35.39 24.24 14.38
CA ASN A 366 34.28 24.82 15.12
C ASN A 366 33.56 23.80 15.99
N ASN A 367 33.99 22.54 15.98
CA ASN A 367 33.39 21.48 16.79
C ASN A 367 31.89 21.35 16.49
N SER A 368 31.56 21.34 15.20
CA SER A 368 30.18 21.24 14.75
C SER A 368 30.13 20.38 13.50
N CYS A 369 28.96 20.32 12.87
CA CYS A 369 28.76 19.53 11.66
C CYS A 369 27.54 20.08 10.93
N VAL A 370 27.47 19.76 9.64
CA VAL A 370 26.39 20.22 8.78
C VAL A 370 25.37 19.08 8.67
N ILE A 371 24.20 19.27 9.27
CA ILE A 371 23.12 18.30 9.21
C ILE A 371 22.17 18.73 8.10
N VAL A 372 21.96 17.84 7.12
CA VAL A 372 21.13 18.13 5.95
C VAL A 372 19.94 17.20 5.93
N ARG A 373 18.77 17.75 5.64
CA ARG A 373 17.55 16.97 5.52
C ARG A 373 17.40 16.43 4.11
N ARG A 374 16.63 15.34 3.99
CA ARG A 374 16.38 14.74 2.69
C ARG A 374 15.12 15.27 2.04
N ASP A 375 14.14 15.71 2.82
CA ASP A 375 12.87 16.13 2.26
C ASP A 375 12.97 17.51 1.61
N ASN A 376 13.69 18.43 2.24
CA ASN A 376 13.81 19.79 1.74
C ASN A 376 15.24 20.27 1.56
N ASN A 377 16.24 19.44 1.85
CA ASN A 377 17.65 19.79 1.66
C ASN A 377 18.03 21.03 2.47
N GLU A 378 17.45 21.17 3.66
CA GLU A 378 17.71 22.29 4.53
C GLU A 378 18.89 21.95 5.45
N LYS A 379 20.02 22.59 5.22
CA LYS A 379 21.23 22.36 6.00
C LYS A 379 21.37 23.39 7.11
N CYS A 380 22.01 22.98 8.19
CA CYS A 380 22.23 23.86 9.34
C CYS A 380 23.36 23.30 10.18
N ASN A 381 24.10 24.19 10.82
CA ASN A 381 25.22 23.80 11.67
C ASN A 381 24.72 23.38 13.05
N VAL A 382 25.23 22.27 13.55
CA VAL A 382 24.86 21.75 14.86
C VAL A 382 26.13 21.35 15.59
N LYS A 383 26.26 21.77 16.84
CA LYS A 383 27.42 21.43 17.64
C LYS A 383 27.50 19.93 17.87
N LYS A 384 28.69 19.46 18.26
CA LYS A 384 28.91 18.03 18.42
C LYS A 384 28.11 17.46 19.58
N GLU A 385 28.21 18.08 20.76
CA GLU A 385 27.53 17.56 21.93
C GLU A 385 26.02 17.68 21.83
N SER A 386 25.50 18.57 21.00
CA SER A 386 24.06 18.77 20.83
C SER A 386 23.57 18.24 19.49
N VAL A 387 24.16 17.15 19.01
CA VAL A 387 23.80 16.58 17.71
C VAL A 387 22.83 15.43 17.89
N LEU A 388 22.87 14.80 19.07
CA LEU A 388 21.99 13.66 19.33
C LEU A 388 20.53 14.10 19.40
N LEU A 389 20.23 15.07 20.26
CA LEU A 389 18.85 15.54 20.38
C LEU A 389 18.38 16.25 19.11
N GLU A 390 19.27 16.96 18.42
CA GLU A 390 18.88 17.63 17.19
C GLU A 390 18.53 16.63 16.10
N THR A 391 19.19 15.48 16.07
CA THR A 391 18.88 14.46 15.08
C THR A 391 17.65 13.65 15.49
N GLN A 392 17.36 13.56 16.79
CA GLN A 392 16.18 12.84 17.24
C GLN A 392 14.90 13.55 16.81
N GLN A 393 14.85 14.87 16.97
CA GLN A 393 13.65 15.62 16.63
C GLN A 393 13.51 15.82 15.12
N MET A 394 14.63 15.96 14.41
CA MET A 394 14.57 16.16 12.97
C MET A 394 13.97 14.95 12.26
N LEU A 395 14.11 13.75 12.83
CA LEU A 395 13.45 12.58 12.28
C LEU A 395 11.93 12.71 12.37
N VAL A 396 11.43 13.16 13.51
CA VAL A 396 9.98 13.33 13.67
C VAL A 396 9.49 14.47 12.78
N ASP A 397 10.23 15.57 12.72
CA ASP A 397 9.81 16.70 11.90
C ASP A 397 9.83 16.35 10.41
N ILE A 398 10.74 15.46 9.99
CA ILE A 398 10.75 15.03 8.59
C ILE A 398 9.56 14.13 8.30
N HIS A 399 9.11 13.36 9.29
CA HIS A 399 7.97 12.46 9.06
C HIS A 399 6.67 13.23 8.97
N LYS A 400 6.45 14.20 9.86
CA LYS A 400 5.23 14.99 9.81
C LYS A 400 5.21 15.89 8.58
N ASN A 401 6.37 16.42 8.18
CA ASN A 401 6.43 17.25 6.98
C ASN A 401 6.08 16.44 5.74
N LEU A 402 6.51 15.17 5.69
CA LEU A 402 6.17 14.32 4.55
C LEU A 402 4.68 13.95 4.56
N PHE A 403 4.08 13.80 5.74
CA PHE A 403 2.67 13.44 5.82
C PHE A 403 1.78 14.66 5.57
N LEU A 404 2.11 15.80 6.19
CA LEU A 404 1.28 16.99 6.02
C LEU A 404 1.31 17.49 4.57
N LYS A 405 2.48 17.42 3.93
CA LYS A 405 2.56 17.80 2.52
C LYS A 405 1.77 16.83 1.65
N ALA A 406 1.82 15.54 1.97
CA ALA A 406 1.04 14.55 1.22
C ALA A 406 -0.45 14.68 1.52
N LYS A 407 -0.81 15.15 2.72
CA LYS A 407 -2.21 15.34 3.04
C LYS A 407 -2.80 16.52 2.27
N LYS A 408 -2.03 17.60 2.11
CA LYS A 408 -2.52 18.75 1.37
C LYS A 408 -2.68 18.42 -0.11
N LYS A 409 -1.76 17.64 -0.67
CA LYS A 409 -1.89 17.23 -2.07
C LYS A 409 -3.07 16.29 -2.27
N LEU A 410 -3.43 15.52 -1.25
CA LEU A 410 -4.61 14.67 -1.34
C LEU A 410 -5.89 15.49 -1.27
N ASP A 411 -5.91 16.51 -0.40
CA ASP A 411 -7.09 17.36 -0.28
C ASP A 411 -7.33 18.16 -1.56
N ASP A 412 -6.27 18.69 -2.15
CA ASP A 412 -6.39 19.45 -3.40
C ASP A 412 -6.64 18.55 -4.61
N SER A 413 -6.82 17.25 -4.42
CA SER A 413 -7.09 16.34 -5.53
C SER A 413 -8.56 16.01 -5.70
N ILE A 414 -9.39 16.27 -4.70
CA ILE A 414 -10.81 15.96 -4.75
C ILE A 414 -11.58 17.22 -5.12
N VAL A 415 -12.39 17.13 -6.18
CA VAL A 415 -13.20 18.24 -6.66
C VAL A 415 -14.66 17.80 -6.62
N GLN A 416 -15.47 18.52 -5.85
CA GLN A 416 -16.88 18.19 -5.72
C GLN A 416 -17.66 18.73 -6.90
N VAL A 417 -18.48 17.87 -7.51
CA VAL A 417 -19.27 18.23 -8.69
C VAL A 417 -20.71 17.79 -8.48
N THR A 418 -21.62 18.44 -9.21
CA THR A 418 -23.03 18.13 -9.14
C THR A 418 -23.61 17.64 -10.46
N SER A 419 -22.86 17.73 -11.55
CA SER A 419 -23.34 17.27 -12.86
C SER A 419 -22.17 16.57 -13.56
N PHE A 420 -22.40 16.18 -14.81
CA PHE A 420 -21.39 15.46 -15.59
C PHE A 420 -20.59 16.37 -16.53
N SER A 421 -21.15 17.52 -16.91
CA SER A 421 -20.46 18.45 -17.81
C SER A 421 -19.20 19.04 -17.19
N GLU A 422 -18.96 18.81 -15.89
CA GLU A 422 -17.77 19.30 -15.20
C GLU A 422 -16.87 18.17 -14.73
N VAL A 423 -17.13 16.94 -15.17
CA VAL A 423 -16.34 15.78 -14.74
C VAL A 423 -15.08 15.62 -15.57
N MET A 424 -15.19 15.70 -16.90
CA MET A 424 -14.02 15.50 -17.75
C MET A 424 -12.98 16.59 -17.54
N ASN A 425 -13.40 17.79 -17.13
CA ASN A 425 -12.44 18.84 -16.82
C ASN A 425 -11.60 18.47 -15.60
N ALA A 426 -12.23 17.89 -14.57
CA ALA A 426 -11.49 17.51 -13.38
C ALA A 426 -10.61 16.29 -13.64
N LEU A 427 -11.07 15.36 -14.46
CA LEU A 427 -10.26 14.19 -14.80
C LEU A 427 -9.02 14.60 -15.57
N ASN A 428 -9.17 15.49 -16.56
CA ASN A 428 -8.03 15.98 -17.32
C ASN A 428 -7.14 16.90 -16.50
N LYS A 429 -7.58 17.31 -15.31
CA LYS A 429 -6.75 18.08 -14.39
C LYS A 429 -6.10 17.21 -13.32
N LYS A 430 -6.08 15.90 -13.54
CA LYS A 430 -5.46 14.93 -12.62
C LYS A 430 -6.12 15.00 -11.24
N LYS A 431 -7.45 15.01 -11.22
CA LYS A 431 -8.22 15.15 -10.00
C LYS A 431 -9.24 14.03 -9.90
N MET A 432 -9.72 13.80 -8.67
CA MET A 432 -10.89 12.98 -8.43
C MET A 432 -12.15 13.83 -8.47
N VAL A 433 -13.29 13.18 -8.40
CA VAL A 433 -14.59 13.86 -8.36
C VAL A 433 -15.46 13.24 -7.28
N LEU A 434 -16.10 14.09 -6.49
CA LEU A 434 -17.05 13.67 -5.46
C LEU A 434 -18.44 14.10 -5.94
N ALA A 435 -19.20 13.15 -6.50
CA ALA A 435 -20.46 13.46 -7.13
C ALA A 435 -21.61 12.71 -6.45
N PRO A 436 -22.81 13.26 -6.47
CA PRO A 436 -23.97 12.52 -5.96
C PRO A 436 -24.33 11.38 -6.92
N TRP A 437 -24.57 10.20 -6.35
CA TRP A 437 -24.74 8.99 -7.16
C TRP A 437 -25.88 8.16 -6.60
N CYS A 438 -26.65 7.55 -7.51
CA CYS A 438 -27.75 6.68 -7.11
C CYS A 438 -27.29 5.28 -6.75
N GLU A 439 -26.01 4.96 -6.95
CA GLU A 439 -25.41 3.69 -6.55
C GLU A 439 -26.00 2.49 -7.28
N ASP A 440 -26.64 2.72 -8.43
CA ASP A 440 -27.11 1.61 -9.25
C ASP A 440 -25.93 0.95 -9.96
N ILE A 441 -25.83 -0.38 -9.80
CA ILE A 441 -24.66 -1.10 -10.33
C ILE A 441 -24.59 -1.00 -11.84
N ALA A 442 -25.73 -0.86 -12.51
CA ALA A 442 -25.73 -0.79 -13.97
C ALA A 442 -25.05 0.47 -14.48
N THR A 443 -25.02 1.52 -13.68
CA THR A 443 -24.42 2.79 -14.11
C THR A 443 -22.90 2.77 -14.05
N GLU A 444 -22.30 1.82 -13.32
CA GLU A 444 -20.85 1.81 -13.19
C GLU A 444 -20.18 1.53 -14.54
N GLU A 445 -20.66 0.52 -15.26
CA GLU A 445 -20.10 0.22 -16.58
C GLU A 445 -20.44 1.32 -17.59
N GLU A 446 -21.58 1.97 -17.44
CA GLU A 446 -21.94 3.07 -18.34
C GLU A 446 -21.01 4.26 -18.16
N ILE A 447 -20.66 4.58 -16.91
CA ILE A 447 -19.78 5.72 -16.65
C ILE A 447 -18.37 5.42 -17.12
N LYS A 448 -17.88 4.19 -16.90
CA LYS A 448 -16.54 3.84 -17.33
C LYS A 448 -16.41 3.88 -18.84
N LYS A 449 -17.42 3.39 -19.56
CA LYS A 449 -17.33 3.37 -21.03
C LYS A 449 -17.38 4.78 -21.61
N GLU A 450 -18.19 5.66 -21.02
CA GLU A 450 -18.35 7.00 -21.58
C GLU A 450 -17.13 7.86 -21.27
N THR A 451 -16.61 7.79 -20.03
CA THR A 451 -15.43 8.56 -19.68
C THR A 451 -14.20 8.11 -20.46
N GLN A 452 -14.10 6.81 -20.75
CA GLN A 452 -12.99 6.33 -21.57
C GLN A 452 -13.12 6.80 -23.01
N ARG A 453 -14.35 6.94 -23.50
CA ARG A 453 -14.55 7.42 -24.87
C ARG A 453 -14.20 8.90 -25.00
N LEU A 454 -14.53 9.70 -23.99
CA LEU A 454 -14.22 11.13 -23.99
C LEU A 454 -12.77 11.42 -23.64
N SER A 455 -11.98 10.39 -23.30
CA SER A 455 -10.58 10.59 -22.90
C SER A 455 -9.70 10.55 -24.14
N LEU A 456 -9.71 11.66 -24.88
CA LEU A 456 -8.89 11.81 -26.07
C LEU A 456 -7.60 12.58 -25.81
N ASN A 457 -7.39 13.04 -24.58
CA ASN A 457 -6.19 13.79 -24.20
C ASN A 457 -5.66 13.23 -22.89
N GLN A 458 -4.83 12.20 -22.97
CA GLN A 458 -4.23 11.59 -21.79
C GLN A 458 -2.78 12.01 -21.65
N SER A 461 0.57 11.05 -20.49
CA SER A 461 0.14 10.18 -21.58
C SER A 461 0.29 8.71 -21.19
N GLU A 462 -0.55 8.25 -20.28
CA GLU A 462 -0.53 6.87 -19.81
C GLU A 462 -1.04 5.96 -20.92
N THR A 463 -0.12 5.40 -21.71
CA THR A 463 -0.50 4.50 -22.80
C THR A 463 -0.80 3.09 -22.32
N THR A 464 -0.56 2.79 -21.05
CA THR A 464 -0.81 1.46 -20.51
C THR A 464 -1.87 1.45 -19.43
N LEU A 465 -2.50 2.59 -19.14
CA LEU A 465 -3.56 2.68 -18.15
C LEU A 465 -4.83 3.19 -18.82
N SER A 466 -5.96 2.68 -18.37
CA SER A 466 -7.24 3.04 -18.99
C SER A 466 -7.64 4.46 -18.62
N GLY A 467 -8.11 5.21 -19.62
CA GLY A 467 -8.62 6.55 -19.39
C GLY A 467 -9.98 6.60 -18.74
N ALA A 468 -10.58 5.44 -18.47
CA ALA A 468 -11.89 5.40 -17.84
C ALA A 468 -11.80 5.70 -16.36
N MET A 469 -12.82 6.39 -15.84
CA MET A 469 -12.96 6.59 -14.40
C MET A 469 -14.00 5.62 -13.86
N LYS A 470 -13.77 5.16 -12.64
CA LYS A 470 -14.60 4.16 -11.99
C LYS A 470 -14.96 4.62 -10.60
N PRO A 471 -16.03 4.06 -10.01
CA PRO A 471 -16.35 4.38 -8.62
C PRO A 471 -15.25 3.89 -7.68
N LEU A 472 -14.56 4.85 -7.04
CA LEU A 472 -13.48 4.51 -6.13
C LEU A 472 -14.03 3.98 -4.80
N CYS A 473 -14.78 4.81 -4.09
CA CYS A 473 -15.38 4.40 -2.83
C CYS A 473 -16.46 5.42 -2.45
N ILE A 474 -17.40 4.96 -1.65
CA ILE A 474 -18.38 5.83 -1.01
C ILE A 474 -17.80 6.24 0.33
N PRO A 475 -17.29 7.47 0.46
CA PRO A 475 -16.54 7.82 1.68
C PRO A 475 -17.40 7.75 2.93
N LEU A 476 -16.79 7.29 4.02
CA LEU A 476 -17.48 7.24 5.30
C LEU A 476 -17.82 8.64 5.81
N ASP A 477 -16.99 9.63 5.46
CA ASP A 477 -17.25 11.02 5.83
C ASP A 477 -18.13 11.62 4.74
N GLN A 478 -19.44 11.52 4.94
CA GLN A 478 -20.40 11.97 3.94
C GLN A 478 -20.81 13.42 4.21
N PRO A 479 -20.67 14.31 3.23
CA PRO A 479 -21.15 15.69 3.41
C PRO A 479 -22.66 15.72 3.46
N PRO A 480 -23.24 16.83 3.92
CA PRO A 480 -24.70 16.97 3.90
C PRO A 480 -25.26 16.71 2.51
N MET A 481 -26.44 16.09 2.46
CA MET A 481 -27.09 15.75 1.21
C MET A 481 -28.30 16.65 1.00
N PRO A 482 -28.35 17.43 -0.07
CA PRO A 482 -29.52 18.28 -0.33
C PRO A 482 -30.76 17.45 -0.52
N PRO A 483 -31.95 18.02 -0.28
CA PRO A 483 -33.17 17.22 -0.39
C PRO A 483 -33.50 16.79 -1.81
N ASN A 484 -33.29 17.68 -2.80
CA ASN A 484 -33.63 17.39 -4.19
C ASN A 484 -32.39 17.25 -5.06
N MET A 485 -31.27 16.82 -4.48
CA MET A 485 -30.05 16.58 -5.25
C MET A 485 -30.20 15.27 -6.02
N LYS A 486 -30.04 15.34 -7.34
CA LYS A 486 -30.22 14.19 -8.21
C LYS A 486 -28.86 13.58 -8.55
N CYS A 487 -28.90 12.38 -9.14
CA CYS A 487 -27.69 11.70 -9.56
C CYS A 487 -27.04 12.44 -10.72
N PHE A 488 -25.71 12.50 -10.71
CA PHE A 488 -24.99 13.23 -11.74
C PHE A 488 -24.99 12.50 -13.07
N TRP A 489 -25.28 11.21 -13.09
CA TRP A 489 -25.27 10.41 -14.31
C TRP A 489 -26.66 10.03 -14.78
N SER A 490 -27.51 9.51 -13.89
CA SER A 490 -28.83 9.05 -14.27
C SER A 490 -29.93 10.07 -14.05
N GLY A 491 -29.67 11.12 -13.27
CA GLY A 491 -30.69 12.09 -12.94
C GLY A 491 -31.69 11.64 -11.90
N LYS A 492 -31.66 10.37 -11.50
CA LYS A 492 -32.54 9.85 -10.47
C LYS A 492 -32.17 10.45 -9.12
N PRO A 493 -33.06 10.33 -8.11
CA PRO A 493 -32.69 10.78 -6.76
C PRO A 493 -31.43 10.12 -6.25
N ALA A 494 -30.36 10.89 -6.13
CA ALA A 494 -29.10 10.36 -5.65
C ALA A 494 -29.17 10.01 -4.16
N LYS A 495 -28.34 9.07 -3.74
CA LYS A 495 -28.34 8.57 -2.37
C LYS A 495 -27.22 9.18 -1.54
N ARG A 496 -25.97 8.91 -1.89
CA ARG A 496 -24.81 9.43 -1.18
C ARG A 496 -23.79 9.95 -2.18
N TRP A 497 -22.80 10.66 -1.65
CA TRP A 497 -21.68 11.12 -2.46
C TRP A 497 -20.69 9.97 -2.64
N CYS A 498 -20.12 9.86 -3.84
CA CYS A 498 -19.17 8.80 -4.16
C CYS A 498 -17.97 9.41 -4.88
N LEU A 499 -16.79 8.85 -4.60
CA LEU A 499 -15.56 9.28 -5.24
C LEU A 499 -15.36 8.52 -6.54
N PHE A 500 -15.23 9.25 -7.65
CA PHE A 500 -14.89 8.68 -8.94
C PHE A 500 -13.54 9.24 -9.40
N GLY A 501 -12.97 8.58 -10.38
CA GLY A 501 -11.70 9.04 -10.94
C GLY A 501 -10.94 7.89 -11.56
N ARG A 502 -9.83 8.24 -12.21
CA ARG A 502 -8.97 7.24 -12.82
C ARG A 502 -8.13 6.55 -11.75
N SER A 503 -7.96 5.23 -11.90
CA SER A 503 -7.35 4.41 -10.87
C SER A 503 -6.28 3.51 -11.46
N TYR A 504 -5.54 2.87 -10.57
CA TYR A 504 -4.57 1.85 -10.93
C TYR A 504 -5.23 0.47 -10.91
#